data_3NSJ
#
_entry.id   3NSJ
#
_cell.length_a   78.640
_cell.length_b   109.800
_cell.length_c   141.030
_cell.angle_alpha   90.00
_cell.angle_beta   90.00
_cell.angle_gamma   90.00
#
_symmetry.space_group_name_H-M   'P 21 21 21'
#
loop_
_entity.id
_entity.type
_entity.pdbx_description
1 polymer Perforin-1
2 non-polymer GLYCEROL
3 non-polymer 'CALCIUM ION'
4 non-polymer 'IODIDE ION'
5 non-polymer 'CHLORIDE ION'
6 non-polymer 2-acetamido-2-deoxy-beta-D-glucopyranose
7 water water
#
_entity_poly.entity_id   1
_entity_poly.type   'polypeptide(L)'
_entity_poly.pdbx_seq_one_letter_code
;PCYTATRSECKQKHKFVPGVWMAGEGMDVTTLRRSGSFPVNTQRFLRPDRTCTLCKNSLMRDATQRLPVAITHWRPHSSH
CQRNVAAAKVHSTEGVAREAAANINNDWRVGLDVNPRPEANMRASVAGSHSKVANFAAEKTYQDQYNFNSDTVECRMYSF
RLVQKPPLHLDFKKALRALPRNFNSSTEHAYHELISSYGTHFITAVDLGGRISVLTALRTCQLTLNGLTADEVGDCLNVE
AQVSIGAQASVSSEYKACEEKKKQHKMATSFHQTYRERHVEVLGGPLDSTHDLLFGNQATPEQFSTWTASLPSNPGLVDY
SLEPLHTLLEEQNPKREALRQAISHYIMSRARWQNCSRPCRSGQHKSSHDSCQCECQDSKVTNQDCCPRQRGLAHLVVSN
FRAEHLWGDYTTATDAYLKVFFGGQEFRTGVVWNNNNPRWTDKMDFENVLLSTGGPLRVQVWDADYGWDDDLLGSCDRSP
HSGFHEVTCELNHGRVKFSYHAKCLPHLTGGTCLEYAPQGLLGDPPGNRSGAVWHHHHHH
;
_entity_poly.pdbx_strand_id   A
#
loop_
_chem_comp.id
_chem_comp.type
_chem_comp.name
_chem_comp.formula
CA non-polymer 'CALCIUM ION' 'Ca 2'
CL non-polymer 'CHLORIDE ION' 'Cl -1'
GOL non-polymer GLYCEROL 'C3 H8 O3'
IOD non-polymer 'IODIDE ION' 'I -1'
NAG D-saccharide, beta linking 2-acetamido-2-deoxy-beta-D-glucopyranose 'C8 H15 N O6'
#
# COMPACT_ATOMS: atom_id res chain seq x y z
N PRO A 1 -4.99 -32.08 -26.40
CA PRO A 1 -4.52 -33.46 -26.21
C PRO A 1 -5.62 -34.33 -25.62
N CYS A 2 -6.86 -33.85 -25.72
CA CYS A 2 -8.00 -34.58 -25.20
C CYS A 2 -8.69 -35.31 -26.34
N TYR A 3 -9.28 -36.46 -26.03
CA TYR A 3 -9.94 -37.29 -27.02
C TYR A 3 -11.21 -37.90 -26.47
N THR A 4 -12.17 -38.19 -27.36
CA THR A 4 -13.40 -38.86 -26.97
C THR A 4 -13.10 -40.36 -26.82
N ALA A 5 -13.19 -40.85 -25.57
CA ALA A 5 -12.85 -42.23 -25.22
C ALA A 5 -14.03 -43.18 -25.33
N THR A 6 -13.72 -44.47 -25.59
CA THR A 6 -14.69 -45.57 -25.70
C THR A 6 -15.24 -45.92 -24.32
N ARG A 7 -16.45 -46.54 -24.26
CA ARG A 7 -17.13 -46.96 -23.03
C ARG A 7 -16.23 -47.75 -22.08
N SER A 8 -15.31 -48.59 -22.65
CA SER A 8 -14.36 -49.41 -21.88
C SER A 8 -13.29 -48.54 -21.22
N GLU A 9 -12.70 -47.60 -22.00
CA GLU A 9 -11.67 -46.66 -21.55
C GLU A 9 -12.20 -45.77 -20.42
N CYS A 10 -13.49 -45.39 -20.49
CA CYS A 10 -14.17 -44.55 -19.50
C CYS A 10 -14.41 -45.26 -18.18
N LYS A 11 -14.56 -46.60 -18.21
CA LYS A 11 -14.77 -47.44 -17.03
C LYS A 11 -13.51 -47.50 -16.16
N GLN A 12 -12.34 -47.32 -16.80
CA GLN A 12 -11.01 -47.37 -16.17
C GLN A 12 -10.80 -46.28 -15.11
N LYS A 13 -10.15 -46.67 -14.00
CA LYS A 13 -9.82 -45.76 -12.90
C LYS A 13 -8.71 -44.80 -13.37
N HIS A 14 -9.06 -43.52 -13.49
CA HIS A 14 -8.18 -42.43 -13.89
C HIS A 14 -8.50 -41.22 -13.02
N LYS A 15 -7.49 -40.44 -12.63
CA LYS A 15 -7.70 -39.22 -11.86
C LYS A 15 -8.20 -38.11 -12.81
N PHE A 16 -8.80 -37.05 -12.27
CA PHE A 16 -9.23 -35.93 -13.11
C PHE A 16 -8.02 -35.04 -13.38
N VAL A 17 -8.08 -34.23 -14.45
CA VAL A 17 -7.00 -33.30 -14.79
C VAL A 17 -6.76 -32.35 -13.58
N PRO A 18 -5.49 -31.99 -13.23
CA PRO A 18 -5.28 -31.17 -12.01
C PRO A 18 -6.03 -29.84 -11.92
N GLY A 19 -6.59 -29.59 -10.73
CA GLY A 19 -7.32 -28.39 -10.39
C GLY A 19 -8.55 -28.07 -11.23
N VAL A 20 -9.14 -29.09 -11.86
CA VAL A 20 -10.32 -28.92 -12.72
C VAL A 20 -11.54 -28.35 -12.00
N TRP A 21 -11.68 -28.68 -10.72
CA TRP A 21 -12.81 -28.25 -9.90
CA TRP A 21 -12.72 -28.28 -9.77
C TRP A 21 -12.76 -26.76 -9.55
N MET A 22 -11.74 -26.03 -10.04
CA MET A 22 -11.64 -24.58 -9.81
C MET A 22 -12.56 -23.81 -10.72
N ALA A 23 -12.87 -24.35 -11.92
CA ALA A 23 -13.77 -23.72 -12.87
C ALA A 23 -15.23 -23.88 -12.42
N GLY A 24 -15.97 -22.78 -12.45
CA GLY A 24 -17.38 -22.77 -12.04
C GLY A 24 -17.59 -22.28 -10.62
N GLU A 25 -16.50 -22.21 -9.82
CA GLU A 25 -16.56 -21.73 -8.44
C GLU A 25 -16.90 -20.25 -8.44
N GLY A 26 -17.69 -19.84 -7.46
CA GLY A 26 -18.10 -18.46 -7.29
C GLY A 26 -16.97 -17.62 -6.74
N MET A 27 -16.98 -16.33 -7.04
CA MET A 27 -15.96 -15.40 -6.53
C MET A 27 -16.53 -14.04 -6.26
N ASP A 28 -16.05 -13.40 -5.17
CA ASP A 28 -16.42 -12.04 -4.81
C ASP A 28 -15.39 -11.15 -5.46
N VAL A 29 -15.81 -10.36 -6.45
CA VAL A 29 -14.93 -9.46 -7.21
C VAL A 29 -14.26 -8.40 -6.31
N THR A 30 -14.94 -7.97 -5.24
CA THR A 30 -14.41 -6.96 -4.32
C THR A 30 -13.22 -7.47 -3.49
N THR A 31 -13.17 -8.77 -3.18
CA THR A 31 -12.09 -9.38 -2.38
C THR A 31 -11.14 -10.27 -3.21
N LEU A 32 -11.60 -10.70 -4.41
CA LEU A 32 -10.86 -11.59 -5.33
C LEU A 32 -10.57 -12.97 -4.70
N ARG A 33 -11.44 -13.37 -3.75
CA ARG A 33 -11.39 -14.64 -3.02
C ARG A 33 -12.57 -15.49 -3.41
N ARG A 34 -12.31 -16.78 -3.69
CA ARG A 34 -13.32 -17.76 -4.08
C ARG A 34 -14.35 -17.96 -2.96
N SER A 35 -15.64 -18.06 -3.34
CA SER A 35 -16.76 -18.17 -2.40
C SER A 35 -16.85 -19.49 -1.60
N GLY A 36 -16.25 -20.55 -2.13
CA GLY A 36 -16.29 -21.87 -1.51
C GLY A 36 -17.47 -22.68 -2.01
N SER A 37 -18.50 -21.99 -2.52
CA SER A 37 -19.73 -22.57 -3.07
C SER A 37 -19.63 -22.60 -4.59
N PHE A 38 -20.40 -23.51 -5.22
CA PHE A 38 -20.37 -23.71 -6.66
C PHE A 38 -21.75 -23.51 -7.30
N PRO A 39 -22.03 -22.35 -7.93
CA PRO A 39 -23.33 -22.17 -8.60
C PRO A 39 -23.49 -23.09 -9.81
N VAL A 40 -22.35 -23.53 -10.38
CA VAL A 40 -22.24 -24.43 -11.53
C VAL A 40 -21.79 -25.81 -11.03
N ASN A 41 -22.36 -26.88 -11.60
CA ASN A 41 -21.97 -28.24 -11.25
C ASN A 41 -21.19 -28.85 -12.42
N THR A 42 -19.87 -29.03 -12.22
CA THR A 42 -18.99 -29.60 -13.25
C THR A 42 -18.71 -31.09 -13.04
N GLN A 43 -19.25 -31.69 -11.94
CA GLN A 43 -19.07 -33.09 -11.55
C GLN A 43 -19.34 -34.20 -12.59
N ARG A 44 -20.27 -33.96 -13.55
CA ARG A 44 -20.63 -34.95 -14.58
C ARG A 44 -19.43 -35.27 -15.48
N PHE A 45 -19.04 -36.55 -15.50
CA PHE A 45 -17.91 -37.04 -16.29
C PHE A 45 -18.35 -37.85 -17.50
N LEU A 46 -19.32 -38.78 -17.33
CA LEU A 46 -19.80 -39.64 -18.41
C LEU A 46 -20.92 -39.01 -19.23
N ARG A 47 -20.78 -39.07 -20.56
CA ARG A 47 -21.75 -38.56 -21.53
C ARG A 47 -23.04 -39.41 -21.48
N PRO A 48 -24.22 -38.91 -21.96
CA PRO A 48 -25.44 -39.74 -21.92
C PRO A 48 -25.30 -41.14 -22.53
N ASP A 49 -24.46 -41.28 -23.58
CA ASP A 49 -24.20 -42.55 -24.26
C ASP A 49 -23.04 -43.35 -23.62
N ARG A 50 -22.80 -43.15 -22.30
CA ARG A 50 -21.76 -43.81 -21.49
C ARG A 50 -20.27 -43.58 -21.88
N THR A 51 -20.01 -42.81 -22.96
CA THR A 51 -18.65 -42.44 -23.39
C THR A 51 -18.19 -41.21 -22.59
N CYS A 52 -16.94 -40.74 -22.81
CA CYS A 52 -16.36 -39.61 -22.08
C CYS A 52 -15.19 -38.97 -22.83
N THR A 53 -14.54 -37.98 -22.17
CA THR A 53 -13.35 -37.29 -22.66
C THR A 53 -12.19 -37.56 -21.71
N LEU A 54 -11.07 -38.03 -22.26
CA LEU A 54 -9.85 -38.29 -21.51
C LEU A 54 -8.73 -37.46 -22.14
N CYS A 55 -7.77 -37.00 -21.31
CA CYS A 55 -6.65 -36.19 -21.76
C CYS A 55 -5.34 -36.85 -21.43
N LYS A 56 -4.32 -36.63 -22.28
CA LYS A 56 -2.95 -37.09 -22.12
C LYS A 56 -2.19 -35.88 -21.57
N ASN A 57 -1.70 -35.98 -20.32
CA ASN A 57 -1.03 -34.85 -19.65
C ASN A 57 0.47 -34.88 -19.75
N SER A 58 1.01 -34.09 -20.69
CA SER A 58 2.45 -33.96 -20.97
C SER A 58 3.26 -33.38 -19.83
N LEU A 59 2.59 -32.77 -18.83
CA LEU A 59 3.26 -32.21 -17.66
C LEU A 59 3.35 -33.24 -16.55
N MET A 60 2.67 -34.38 -16.75
CA MET A 60 2.62 -35.49 -15.81
C MET A 60 2.89 -36.80 -16.51
N ARG A 61 3.99 -36.83 -17.29
CA ARG A 61 4.48 -38.00 -18.03
C ARG A 61 3.42 -38.73 -18.87
N ASP A 62 2.57 -37.95 -19.56
CA ASP A 62 1.52 -38.44 -20.45
C ASP A 62 0.45 -39.29 -19.75
N ALA A 63 0.20 -39.01 -18.45
CA ALA A 63 -0.81 -39.69 -17.64
C ALA A 63 -2.20 -39.51 -18.23
N THR A 64 -2.99 -40.60 -18.31
CA THR A 64 -4.36 -40.48 -18.82
C THR A 64 -5.20 -39.91 -17.69
N GLN A 65 -5.82 -38.75 -17.95
CA GLN A 65 -6.63 -38.04 -16.97
C GLN A 65 -8.05 -37.76 -17.46
N ARG A 66 -9.01 -37.69 -16.52
CA ARG A 66 -10.41 -37.45 -16.82
C ARG A 66 -10.75 -35.98 -16.99
N LEU A 67 -11.61 -35.68 -17.96
CA LEU A 67 -12.06 -34.31 -18.18
C LEU A 67 -13.57 -34.24 -17.98
N PRO A 68 -14.05 -33.38 -17.05
CA PRO A 68 -15.50 -33.23 -16.87
C PRO A 68 -16.15 -32.74 -18.15
N VAL A 69 -17.43 -33.10 -18.35
CA VAL A 69 -18.15 -32.75 -19.56
C VAL A 69 -18.37 -31.23 -19.74
N ALA A 70 -18.45 -30.48 -18.61
CA ALA A 70 -18.64 -29.02 -18.58
C ALA A 70 -17.36 -28.23 -18.94
N ILE A 71 -16.21 -28.92 -19.06
CA ILE A 71 -14.91 -28.31 -19.36
C ILE A 71 -14.50 -28.48 -20.82
N THR A 72 -14.06 -27.38 -21.46
CA THR A 72 -13.56 -27.36 -22.83
C THR A 72 -12.18 -26.69 -22.85
N HIS A 73 -11.48 -26.74 -24.00
CA HIS A 73 -10.18 -26.11 -24.27
C HIS A 73 -9.06 -26.50 -23.33
N TRP A 74 -9.12 -27.71 -22.72
CA TRP A 74 -8.05 -28.12 -21.81
C TRP A 74 -6.74 -28.16 -22.58
N ARG A 75 -5.79 -27.35 -22.13
CA ARG A 75 -4.51 -27.21 -22.79
C ARG A 75 -3.37 -27.17 -21.77
N PRO A 76 -2.39 -28.09 -21.83
CA PRO A 76 -1.26 -28.01 -20.91
C PRO A 76 -0.17 -27.16 -21.57
N HIS A 77 0.61 -26.44 -20.76
CA HIS A 77 1.66 -25.57 -21.28
C HIS A 77 3.03 -26.17 -21.07
N SER A 78 4.09 -25.36 -20.99
CA SER A 78 5.42 -25.91 -20.83
C SER A 78 5.75 -26.10 -19.36
N SER A 79 6.58 -27.12 -19.07
CA SER A 79 7.07 -27.44 -17.73
C SER A 79 8.15 -26.41 -17.38
N HIS A 80 8.78 -25.84 -18.43
CA HIS A 80 9.80 -24.83 -18.31
C HIS A 80 9.22 -23.49 -17.93
N CYS A 81 9.60 -23.01 -16.75
CA CYS A 81 9.18 -21.72 -16.24
C CYS A 81 10.40 -20.80 -16.24
N GLN A 82 10.35 -19.72 -17.04
CA GLN A 82 11.42 -18.74 -17.16
C GLN A 82 11.58 -18.02 -15.84
N ARG A 83 12.81 -18.05 -15.29
CA ARG A 83 13.13 -17.39 -14.04
C ARG A 83 13.20 -15.88 -14.28
N ASN A 84 12.05 -15.20 -14.15
CA ASN A 84 11.91 -13.76 -14.38
C ASN A 84 11.02 -13.16 -13.30
N VAL A 85 11.55 -12.16 -12.59
CA VAL A 85 10.84 -11.45 -11.53
C VAL A 85 10.27 -10.16 -12.12
N ALA A 86 8.94 -10.10 -12.27
CA ALA A 86 8.25 -8.93 -12.81
C ALA A 86 8.07 -7.89 -11.70
N ALA A 87 8.74 -6.73 -11.85
CA ALA A 87 8.70 -5.62 -10.89
C ALA A 87 7.70 -4.55 -11.27
N ALA A 88 7.00 -4.00 -10.26
CA ALA A 88 6.01 -2.94 -10.43
C ALA A 88 6.11 -1.93 -9.28
N LYS A 89 5.90 -0.65 -9.60
CA LYS A 89 5.94 0.45 -8.63
C LYS A 89 4.55 1.02 -8.48
N VAL A 90 3.96 0.77 -7.31
CA VAL A 90 2.61 1.20 -6.97
C VAL A 90 2.73 2.35 -5.94
N HIS A 91 1.89 3.38 -6.09
CA HIS A 91 1.96 4.56 -5.25
C HIS A 91 0.76 4.76 -4.30
N SER A 92 -0.35 4.05 -4.55
CA SER A 92 -1.57 4.16 -3.75
C SER A 92 -2.23 2.81 -3.50
N THR A 93 -3.27 2.78 -2.64
CA THR A 93 -4.08 1.58 -2.36
C THR A 93 -4.85 1.22 -3.63
N GLU A 94 -5.34 2.26 -4.36
CA GLU A 94 -6.09 2.15 -5.60
C GLU A 94 -5.28 1.37 -6.65
N GLY A 95 -3.99 1.67 -6.72
CA GLY A 95 -3.06 0.98 -7.62
C GLY A 95 -2.86 -0.47 -7.25
N VAL A 96 -2.80 -0.77 -5.93
CA VAL A 96 -2.65 -2.13 -5.39
C VAL A 96 -3.87 -2.97 -5.77
N ALA A 97 -5.07 -2.37 -5.67
CA ALA A 97 -6.32 -3.04 -6.03
C ALA A 97 -6.32 -3.33 -7.54
N ARG A 98 -5.82 -2.35 -8.34
CA ARG A 98 -5.71 -2.46 -9.80
C ARG A 98 -4.77 -3.60 -10.16
N GLU A 99 -3.61 -3.71 -9.49
CA GLU A 99 -2.62 -4.78 -9.74
C GLU A 99 -3.16 -6.15 -9.36
N ALA A 100 -4.01 -6.21 -8.31
CA ALA A 100 -4.65 -7.43 -7.85
C ALA A 100 -5.74 -7.87 -8.86
N ALA A 101 -6.57 -6.91 -9.31
CA ALA A 101 -7.67 -7.10 -10.24
C ALA A 101 -7.19 -7.41 -11.66
N ALA A 102 -5.89 -7.12 -11.96
CA ALA A 102 -5.26 -7.32 -13.28
C ALA A 102 -5.20 -8.80 -13.69
N ASN A 103 -5.64 -9.70 -12.79
CA ASN A 103 -5.69 -11.14 -13.01
C ASN A 103 -7.02 -11.57 -13.59
N ILE A 104 -8.00 -10.65 -13.67
CA ILE A 104 -9.28 -10.91 -14.32
C ILE A 104 -9.02 -10.60 -15.79
N ASN A 105 -9.07 -11.63 -16.66
CA ASN A 105 -8.79 -11.46 -18.09
C ASN A 105 -9.89 -10.75 -18.87
N ASN A 106 -11.15 -10.90 -18.45
CA ASN A 106 -12.28 -10.34 -19.17
C ASN A 106 -12.86 -9.10 -18.49
N ASP A 107 -13.96 -8.56 -19.06
CA ASP A 107 -14.64 -7.42 -18.50
C ASP A 107 -15.73 -7.95 -17.56
N TRP A 108 -15.38 -8.08 -16.27
CA TRP A 108 -16.29 -8.52 -15.21
C TRP A 108 -17.49 -7.56 -15.01
N ARG A 109 -17.37 -6.32 -15.52
CA ARG A 109 -18.39 -5.27 -15.38
C ARG A 109 -19.60 -5.49 -16.27
N VAL A 110 -19.45 -6.26 -17.35
CA VAL A 110 -20.51 -6.52 -18.33
C VAL A 110 -21.90 -6.88 -17.76
N GLY A 111 -22.85 -5.97 -17.99
CA GLY A 111 -24.23 -6.10 -17.57
C GLY A 111 -24.55 -5.57 -16.19
N LEU A 112 -23.55 -5.00 -15.51
CA LEU A 112 -23.69 -4.48 -14.16
C LEU A 112 -23.58 -2.98 -14.13
N ASP A 113 -24.27 -2.36 -13.16
CA ASP A 113 -24.25 -0.92 -12.93
C ASP A 113 -23.14 -0.69 -11.92
N VAL A 114 -21.91 -0.54 -12.43
CA VAL A 114 -20.72 -0.37 -11.60
C VAL A 114 -20.06 1.02 -11.78
N ASN A 115 -20.90 2.01 -12.13
CA ASN A 115 -20.56 3.40 -12.42
C ASN A 115 -20.83 4.33 -11.24
N ARG A 117 -22.39 6.31 -8.52
CA ARG A 117 -22.68 7.69 -8.10
C ARG A 117 -21.52 8.62 -8.48
N PRO A 118 -21.81 9.86 -8.97
CA PRO A 118 -20.70 10.78 -9.36
C PRO A 118 -19.75 11.18 -8.23
N GLU A 119 -20.28 11.30 -6.99
CA GLU A 119 -19.51 11.65 -5.79
C GLU A 119 -18.77 10.45 -5.18
N ALA A 120 -19.33 9.25 -5.36
CA ALA A 120 -18.75 7.99 -4.85
C ALA A 120 -17.81 7.31 -5.88
N ASN A 121 -17.47 8.02 -6.99
CA ASN A 121 -16.59 7.51 -8.05
C ASN A 121 -15.24 8.25 -8.17
N MET A 122 -14.86 9.05 -7.14
CA MET A 122 -13.57 9.76 -7.12
C MET A 122 -12.42 8.79 -6.80
N ARG A 123 -11.62 8.42 -7.84
CA ARG A 123 -10.48 7.47 -7.76
C ARG A 123 -10.92 6.17 -7.05
N ALA A 124 -12.11 5.65 -7.42
CA ALA A 124 -12.74 4.49 -6.83
C ALA A 124 -12.20 3.13 -7.25
N SER A 125 -11.93 2.27 -6.24
CA SER A 125 -11.49 0.88 -6.44
C SER A 125 -12.72 0.03 -6.22
N VAL A 126 -13.03 -0.83 -7.18
CA VAL A 126 -14.21 -1.70 -7.06
C VAL A 126 -13.72 -3.14 -6.99
N ALA A 127 -12.98 -3.61 -8.01
CA ALA A 127 -12.45 -4.97 -7.99
C ALA A 127 -11.17 -4.95 -7.16
N GLY A 128 -11.06 -5.94 -6.27
CA GLY A 128 -9.93 -6.09 -5.37
C GLY A 128 -9.83 -5.03 -4.30
N SER A 129 -10.90 -4.23 -4.10
CA SER A 129 -10.95 -3.15 -3.10
C SER A 129 -10.79 -3.70 -1.67
N HIS A 130 -11.40 -4.86 -1.39
CA HIS A 130 -11.33 -5.52 -0.09
C HIS A 130 -10.49 -6.78 -0.12
N SER A 131 -9.55 -6.86 -1.08
CA SER A 131 -8.63 -7.99 -1.21
C SER A 131 -7.59 -7.88 -0.10
N LYS A 132 -7.00 -9.02 0.31
CA LYS A 132 -6.00 -9.03 1.37
C LYS A 132 -4.83 -8.09 1.11
N VAL A 133 -4.37 -8.01 -0.15
CA VAL A 133 -3.29 -7.12 -0.56
C VAL A 133 -3.66 -5.63 -0.46
N ALA A 134 -4.93 -5.28 -0.77
CA ALA A 134 -5.44 -3.90 -0.72
C ALA A 134 -5.57 -3.47 0.73
N ASN A 135 -6.11 -4.37 1.58
CA ASN A 135 -6.27 -4.15 3.01
C ASN A 135 -4.90 -3.96 3.68
N PHE A 136 -3.86 -4.66 3.19
CA PHE A 136 -2.49 -4.50 3.66
C PHE A 136 -2.00 -3.09 3.30
N ALA A 137 -2.18 -2.68 2.04
CA ALA A 137 -1.80 -1.36 1.53
C ALA A 137 -2.56 -0.21 2.20
N ALA A 138 -3.82 -0.45 2.60
CA ALA A 138 -4.66 0.55 3.28
C ALA A 138 -4.18 0.76 4.72
N GLU A 139 -3.94 -0.35 5.48
CA GLU A 139 -3.44 -0.35 6.87
C GLU A 139 -2.12 0.42 6.96
N LYS A 140 -1.21 0.19 6.00
CA LYS A 140 0.07 0.88 5.90
C LYS A 140 -0.17 2.36 5.65
N THR A 141 -0.99 2.70 4.63
CA THR A 141 -1.38 4.08 4.25
C THR A 141 -1.90 4.89 5.44
N TYR A 142 -2.74 4.27 6.30
CA TYR A 142 -3.30 4.89 7.49
C TYR A 142 -2.22 5.18 8.55
N GLN A 143 -1.20 4.32 8.66
CA GLN A 143 -0.11 4.44 9.64
C GLN A 143 0.96 5.48 9.27
N ASP A 144 1.39 5.51 8.00
CA ASP A 144 2.47 6.38 7.53
C ASP A 144 2.42 6.55 6.00
N GLN A 145 3.26 7.46 5.44
CA GLN A 145 3.34 7.69 4.01
C GLN A 145 4.17 6.57 3.41
N TYR A 146 3.53 5.72 2.58
CA TYR A 146 4.21 4.58 1.97
C TYR A 146 4.22 4.60 0.47
N ASN A 147 5.26 3.98 -0.08
CA ASN A 147 5.49 3.73 -1.49
C ASN A 147 5.59 2.20 -1.59
N PHE A 148 4.92 1.59 -2.58
CA PHE A 148 4.91 0.13 -2.70
C PHE A 148 5.71 -0.40 -3.88
N ASN A 149 6.39 -1.53 -3.67
CA ASN A 149 7.17 -2.24 -4.67
C ASN A 149 6.65 -3.67 -4.77
N SER A 150 6.25 -4.09 -5.99
CA SER A 150 5.73 -5.42 -6.25
C SER A 150 6.73 -6.27 -7.04
N ASP A 151 7.01 -7.49 -6.55
CA ASP A 151 7.89 -8.47 -7.22
C ASP A 151 7.10 -9.75 -7.43
N THR A 152 6.93 -10.17 -8.71
CA THR A 152 6.09 -11.31 -9.10
C THR A 152 6.77 -12.35 -10.01
N VAL A 153 6.49 -13.64 -9.77
CA VAL A 153 6.97 -14.77 -10.59
C VAL A 153 5.73 -15.61 -10.95
N GLU A 154 5.53 -15.87 -12.26
CA GLU A 154 4.38 -16.65 -12.74
C GLU A 154 4.80 -17.80 -13.63
N CYS A 155 4.16 -18.98 -13.45
CA CYS A 155 4.34 -20.17 -14.27
C CYS A 155 2.96 -20.62 -14.67
N ARG A 156 2.69 -20.69 -15.98
CA ARG A 156 1.40 -21.17 -16.47
C ARG A 156 1.57 -22.65 -16.84
N MET A 157 0.75 -23.51 -16.23
CA MET A 157 0.80 -24.95 -16.45
C MET A 157 -0.39 -25.39 -17.28
N TYR A 158 -1.60 -24.94 -16.92
CA TYR A 158 -2.81 -25.34 -17.65
C TYR A 158 -3.74 -24.17 -17.90
N SER A 159 -4.59 -24.33 -18.91
CA SER A 159 -5.68 -23.43 -19.25
C SER A 159 -6.85 -24.26 -19.74
N PHE A 160 -8.03 -23.94 -19.24
CA PHE A 160 -9.31 -24.56 -19.58
C PHE A 160 -10.45 -23.60 -19.27
N ARG A 161 -11.61 -23.86 -19.88
CA ARG A 161 -12.78 -23.04 -19.68
C ARG A 161 -14.04 -23.87 -19.54
N LEU A 162 -15.11 -23.23 -19.06
CA LEU A 162 -16.42 -23.82 -18.88
C LEU A 162 -17.16 -23.84 -20.23
N VAL A 163 -18.25 -24.62 -20.34
CA VAL A 163 -19.10 -24.66 -21.54
C VAL A 163 -20.00 -23.40 -21.53
N GLN A 164 -20.55 -23.01 -22.69
CA GLN A 164 -21.41 -21.82 -22.81
C GLN A 164 -22.65 -21.87 -21.91
N LYS A 165 -23.31 -23.04 -21.81
CA LYS A 165 -24.47 -23.21 -20.94
C LYS A 165 -24.15 -24.32 -19.93
N PRO A 166 -23.43 -23.99 -18.83
CA PRO A 166 -23.08 -25.04 -17.86
C PRO A 166 -24.24 -25.47 -16.97
N PRO A 167 -24.29 -26.75 -16.53
CA PRO A 167 -25.42 -27.17 -15.67
C PRO A 167 -25.30 -26.59 -14.26
N LEU A 168 -26.35 -25.87 -13.84
CA LEU A 168 -26.43 -25.23 -12.53
C LEU A 168 -26.57 -26.27 -11.41
N HIS A 169 -26.02 -25.95 -10.24
CA HIS A 169 -26.05 -26.81 -9.05
C HIS A 169 -27.46 -26.80 -8.45
N LEU A 170 -27.93 -27.97 -7.96
CA LEU A 170 -29.26 -28.12 -7.35
C LEU A 170 -29.41 -27.27 -6.08
N ASP A 171 -28.31 -27.12 -5.31
CA ASP A 171 -28.24 -26.30 -4.08
C ASP A 171 -28.44 -24.83 -4.46
N PHE A 172 -27.91 -24.42 -5.64
CA PHE A 172 -28.03 -23.07 -6.19
C PHE A 172 -29.44 -22.84 -6.72
N LYS A 173 -30.00 -23.83 -7.46
CA LYS A 173 -31.36 -23.82 -8.01
C LYS A 173 -32.40 -23.65 -6.90
N LYS A 174 -32.18 -24.33 -5.74
CA LYS A 174 -33.02 -24.27 -4.55
C LYS A 174 -32.91 -22.91 -3.88
N ALA A 175 -31.68 -22.37 -3.79
CA ALA A 175 -31.39 -21.07 -3.20
C ALA A 175 -32.01 -19.94 -4.03
N LEU A 176 -32.15 -20.13 -5.37
CA LEU A 176 -32.77 -19.17 -6.27
C LEU A 176 -34.30 -19.15 -6.06
N ARG A 177 -34.91 -20.33 -5.75
CA ARG A 177 -36.34 -20.48 -5.49
C ARG A 177 -36.72 -19.78 -4.17
N ALA A 178 -35.90 -19.98 -3.11
CA ALA A 178 -36.08 -19.39 -1.79
C ALA A 178 -35.80 -17.87 -1.74
N LEU A 179 -35.67 -17.24 -2.93
CA LEU A 179 -35.45 -15.81 -3.09
C LEU A 179 -36.74 -15.10 -3.51
N PRO A 180 -36.98 -13.86 -3.03
CA PRO A 180 -38.19 -13.14 -3.47
C PRO A 180 -38.10 -12.71 -4.94
N ARG A 181 -39.27 -12.49 -5.58
CA ARG A 181 -39.43 -12.13 -7.00
C ARG A 181 -38.62 -10.93 -7.51
N ASN A 182 -38.40 -9.93 -6.64
CA ASN A 182 -37.69 -8.70 -7.03
C ASN A 182 -36.79 -8.11 -5.92
N PHE A 183 -35.94 -7.15 -6.32
CA PHE A 183 -35.00 -6.48 -5.42
C PHE A 183 -35.54 -5.13 -4.96
N ASN A 184 -36.44 -5.15 -3.96
CA ASN A 184 -37.01 -3.95 -3.31
C ASN A 184 -35.99 -3.58 -2.20
N SER A 185 -36.35 -2.72 -1.23
CA SER A 185 -35.38 -2.41 -0.17
C SER A 185 -35.41 -3.40 1.01
N SER A 186 -36.51 -4.17 1.15
CA SER A 186 -36.68 -5.17 2.21
C SER A 186 -36.05 -6.53 1.89
N THR A 187 -36.05 -6.93 0.59
CA THR A 187 -35.46 -8.19 0.10
C THR A 187 -33.93 -8.11 0.00
N GLU A 188 -33.35 -6.94 0.33
CA GLU A 188 -31.92 -6.66 0.31
C GLU A 188 -31.09 -7.70 1.06
N HIS A 189 -31.56 -8.18 2.23
CA HIS A 189 -30.88 -9.19 3.03
C HIS A 189 -30.86 -10.57 2.36
N ALA A 190 -32.01 -11.00 1.79
CA ALA A 190 -32.17 -12.30 1.12
C ALA A 190 -31.21 -12.45 -0.06
N TYR A 191 -31.05 -11.38 -0.85
CA TYR A 191 -30.15 -11.35 -2.01
C TYR A 191 -28.68 -11.28 -1.59
N HIS A 192 -28.37 -10.49 -0.52
CA HIS A 192 -26.99 -10.37 -0.04
CA HIS A 192 -27.02 -10.32 0.04
C HIS A 192 -26.48 -11.68 0.56
N GLU A 193 -27.39 -12.57 0.99
CA GLU A 193 -27.04 -13.89 1.50
C GLU A 193 -26.61 -14.82 0.37
N LEU A 194 -27.26 -14.70 -0.81
CA LEU A 194 -26.92 -15.48 -2.00
C LEU A 194 -25.59 -15.00 -2.58
N ILE A 195 -25.35 -13.68 -2.53
CA ILE A 195 -24.12 -13.05 -3.01
C ILE A 195 -22.94 -13.38 -2.08
N SER A 196 -23.14 -13.30 -0.76
CA SER A 196 -22.07 -13.64 0.20
C SER A 196 -21.71 -15.14 0.18
N SER A 197 -22.65 -15.99 -0.24
CA SER A 197 -22.46 -17.45 -0.29
C SER A 197 -21.91 -17.92 -1.63
N TYR A 198 -22.51 -17.49 -2.76
CA TYR A 198 -22.11 -17.90 -4.11
C TYR A 198 -21.25 -16.90 -4.89
N GLY A 199 -20.90 -15.78 -4.28
CA GLY A 199 -20.09 -14.73 -4.91
C GLY A 199 -20.88 -13.81 -5.83
N THR A 200 -20.22 -12.74 -6.30
CA THR A 200 -20.80 -11.76 -7.22
C THR A 200 -20.71 -12.31 -8.64
N HIS A 201 -19.66 -13.11 -8.89
CA HIS A 201 -19.31 -13.72 -10.17
C HIS A 201 -18.99 -15.19 -10.00
N PHE A 202 -18.71 -15.87 -11.10
CA PHE A 202 -18.26 -17.25 -11.13
C PHE A 202 -17.19 -17.37 -12.20
N ILE A 203 -16.15 -18.17 -11.91
CA ILE A 203 -15.00 -18.41 -12.77
C ILE A 203 -15.43 -19.20 -13.99
N THR A 204 -15.25 -18.65 -15.20
CA THR A 204 -15.64 -19.27 -16.47
C THR A 204 -14.46 -19.81 -17.27
N ALA A 205 -13.28 -19.26 -17.02
CA ALA A 205 -12.03 -19.67 -17.66
C ALA A 205 -10.90 -19.49 -16.66
N VAL A 206 -9.87 -20.34 -16.76
CA VAL A 206 -8.73 -20.28 -15.83
C VAL A 206 -7.41 -20.44 -16.53
N ASP A 207 -6.36 -19.96 -15.88
CA ASP A 207 -4.97 -20.18 -16.21
C ASP A 207 -4.38 -20.63 -14.89
N LEU A 208 -4.08 -21.94 -14.79
CA LEU A 208 -3.54 -22.54 -13.59
C LEU A 208 -2.02 -22.67 -13.67
N GLY A 209 -1.40 -22.73 -12.50
CA GLY A 209 0.03 -22.91 -12.37
C GLY A 209 0.51 -22.45 -11.02
N GLY A 210 1.47 -21.54 -11.03
CA GLY A 210 2.02 -21.01 -9.80
C GLY A 210 2.31 -19.53 -9.87
N ARG A 211 2.17 -18.84 -8.73
CA ARG A 211 2.43 -17.42 -8.63
C ARG A 211 2.99 -17.03 -7.26
N ILE A 212 4.17 -16.37 -7.26
CA ILE A 212 4.79 -15.80 -6.06
C ILE A 212 4.61 -14.29 -6.22
N SER A 213 3.76 -13.67 -5.40
CA SER A 213 3.56 -12.23 -5.46
C SER A 213 3.93 -11.60 -4.12
N VAL A 214 4.95 -10.69 -4.13
CA VAL A 214 5.44 -10.03 -2.91
C VAL A 214 5.36 -8.50 -3.00
N LEU A 215 4.46 -7.89 -2.20
CA LEU A 215 4.31 -6.43 -2.12
C LEU A 215 5.07 -5.91 -0.90
N THR A 216 6.11 -5.08 -1.14
CA THR A 216 6.92 -4.48 -0.07
C THR A 216 6.50 -3.03 0.15
N ALA A 217 6.10 -2.71 1.39
CA ALA A 217 5.71 -1.37 1.82
C ALA A 217 6.96 -0.63 2.31
N LEU A 218 7.28 0.49 1.66
CA LEU A 218 8.46 1.30 2.02
C LEU A 218 8.02 2.68 2.50
N ARG A 219 8.46 3.06 3.73
CA ARG A 219 8.15 4.36 4.35
C ARG A 219 8.92 5.41 3.56
N THR A 220 8.23 6.07 2.61
CA THR A 220 8.79 7.05 1.68
C THR A 220 9.68 8.15 2.28
N CYS A 221 9.31 8.69 3.45
CA CYS A 221 10.09 9.75 4.11
C CYS A 221 11.28 9.27 4.92
N GLN A 222 11.24 8.02 5.44
CA GLN A 222 12.35 7.43 6.18
C GLN A 222 13.51 7.15 5.21
N LEU A 223 13.17 6.79 3.97
CA LEU A 223 14.11 6.50 2.89
C LEU A 223 14.87 7.75 2.47
N THR A 224 14.16 8.89 2.26
CA THR A 224 14.74 10.18 1.84
C THR A 224 15.78 10.70 2.85
N LEU A 225 15.54 10.49 4.17
CA LEU A 225 16.43 10.89 5.26
C LEU A 225 17.74 10.10 5.21
N ASN A 226 17.67 8.84 4.74
CA ASN A 226 18.82 7.93 4.64
C ASN A 226 19.50 7.96 3.26
N GLY A 227 19.17 8.98 2.45
CA GLY A 227 19.75 9.20 1.13
C GLY A 227 19.36 8.21 0.06
N LEU A 228 18.28 7.45 0.29
CA LEU A 228 17.78 6.44 -0.65
C LEU A 228 16.44 6.87 -1.24
N THR A 229 16.15 6.42 -2.48
CA THR A 229 14.87 6.70 -3.14
C THR A 229 14.01 5.41 -3.15
N ALA A 230 12.69 5.55 -3.35
CA ALA A 230 11.77 4.41 -3.41
C ALA A 230 12.07 3.50 -4.60
N ASP A 231 12.50 4.11 -5.74
CA ASP A 231 12.87 3.41 -6.96
C ASP A 231 14.21 2.69 -6.79
N GLU A 232 15.16 3.28 -6.02
CA GLU A 232 16.48 2.72 -5.73
C GLU A 232 16.39 1.40 -4.95
N VAL A 233 15.66 1.42 -3.81
CA VAL A 233 15.44 0.27 -2.93
C VAL A 233 14.63 -0.81 -3.68
N GLY A 234 13.61 -0.37 -4.41
CA GLY A 234 12.73 -1.22 -5.20
C GLY A 234 13.47 -2.02 -6.25
N ASP A 235 14.40 -1.36 -6.98
CA ASP A 235 15.22 -1.99 -8.01
C ASP A 235 16.19 -3.00 -7.38
N CYS A 236 16.67 -2.70 -6.16
CA CYS A 236 17.58 -3.58 -5.41
C CYS A 236 16.87 -4.84 -4.93
N LEU A 237 15.59 -4.71 -4.55
CA LEU A 237 14.77 -5.85 -4.12
C LEU A 237 14.54 -6.81 -5.28
N ASN A 238 14.22 -6.27 -6.48
CA ASN A 238 14.02 -7.06 -7.71
C ASN A 238 15.25 -7.90 -8.05
N VAL A 239 16.46 -7.32 -7.88
CA VAL A 239 17.73 -7.99 -8.14
C VAL A 239 17.95 -9.11 -7.10
N GLU A 240 17.67 -8.83 -5.81
CA GLU A 240 17.80 -9.80 -4.73
C GLU A 240 16.86 -10.99 -4.95
N ALA A 241 15.62 -10.72 -5.44
CA ALA A 241 14.59 -11.71 -5.75
C ALA A 241 15.04 -12.59 -6.91
N GLN A 242 15.71 -11.97 -7.91
CA GLN A 242 16.26 -12.66 -9.08
C GLN A 242 17.41 -13.59 -8.69
N VAL A 243 18.18 -13.23 -7.66
CA VAL A 243 19.30 -14.03 -7.14
C VAL A 243 18.74 -15.27 -6.44
N SER A 244 17.75 -15.09 -5.55
CA SER A 244 17.11 -16.16 -4.79
C SER A 244 16.44 -17.23 -5.66
N ILE A 245 15.95 -16.84 -6.86
CA ILE A 245 15.31 -17.77 -7.79
C ILE A 245 16.29 -18.32 -8.84
N GLY A 246 17.47 -17.72 -8.93
CA GLY A 246 18.53 -18.13 -9.84
C GLY A 246 18.47 -17.50 -11.23
N ALA A 247 17.68 -16.42 -11.39
CA ALA A 247 17.54 -15.67 -12.66
C ALA A 247 18.87 -15.02 -13.07
N GLN A 248 19.63 -14.57 -12.06
CA GLN A 248 20.95 -13.96 -12.20
C GLN A 248 21.83 -14.44 -11.04
N ALA A 249 23.12 -14.67 -11.30
CA ALA A 249 24.07 -15.12 -10.30
C ALA A 249 24.67 -13.92 -9.54
N SER A 250 25.58 -14.19 -8.56
CA SER A 250 26.26 -13.16 -7.77
C SER A 250 27.20 -12.26 -8.60
N VAL A 251 27.41 -12.60 -9.90
CA VAL A 251 28.26 -11.86 -10.83
C VAL A 251 27.46 -11.30 -12.02
N SER A 252 26.96 -10.05 -11.87
CA SER A 252 26.21 -9.29 -12.87
C SER A 252 26.24 -7.78 -12.54
N SER A 253 26.11 -6.93 -13.58
CA SER A 253 26.14 -5.46 -13.51
C SER A 253 25.12 -4.86 -12.52
N GLU A 254 23.90 -5.42 -12.50
CA GLU A 254 22.81 -4.99 -11.60
C GLU A 254 23.10 -5.35 -10.14
N TYR A 255 23.62 -6.57 -9.88
CA TYR A 255 23.95 -7.05 -8.53
C TYR A 255 25.16 -6.34 -7.95
N LYS A 256 26.10 -5.90 -8.82
CA LYS A 256 27.30 -5.16 -8.41
C LYS A 256 26.91 -3.79 -7.84
N ALA A 257 25.90 -3.14 -8.47
CA ALA A 257 25.35 -1.86 -8.05
C ALA A 257 24.66 -1.95 -6.68
N CYS A 258 24.02 -3.11 -6.40
CA CYS A 258 23.32 -3.38 -5.13
C CYS A 258 24.31 -3.60 -4.00
N GLU A 259 25.44 -4.30 -4.29
CA GLU A 259 26.50 -4.56 -3.32
C GLU A 259 27.26 -3.26 -3.01
N GLU A 260 27.31 -2.33 -3.98
CA GLU A 260 27.92 -1.01 -3.85
C GLU A 260 27.09 -0.17 -2.88
N LYS A 261 25.75 -0.12 -3.09
CA LYS A 261 24.80 0.63 -2.25
C LYS A 261 24.66 0.03 -0.84
N LYS A 262 24.90 -1.28 -0.68
CA LYS A 262 24.85 -1.98 0.61
C LYS A 262 26.00 -1.52 1.51
N LYS A 263 27.19 -1.28 0.92
CA LYS A 263 28.40 -0.79 1.60
C LYS A 263 28.37 0.74 1.73
N GLN A 264 27.90 1.45 0.67
CA GLN A 264 27.76 2.90 0.60
C GLN A 264 26.85 3.44 1.71
N HIS A 265 25.78 2.69 2.03
CA HIS A 265 24.81 3.07 3.06
C HIS A 265 24.99 2.33 4.41
N LYS A 266 26.15 1.64 4.57
CA LYS A 266 26.57 0.90 5.76
C LYS A 266 25.50 -0.07 6.29
N MET A 267 24.99 -0.96 5.40
CA MET A 267 23.96 -1.93 5.73
C MET A 267 24.57 -3.26 6.16
N ALA A 268 24.16 -3.76 7.35
CA ALA A 268 24.63 -5.02 7.92
C ALA A 268 24.14 -6.23 7.12
N THR A 269 22.84 -6.23 6.74
CA THR A 269 22.19 -7.28 5.95
C THR A 269 21.61 -6.71 4.65
N SER A 270 21.04 -7.58 3.79
CA SER A 270 20.43 -7.23 2.50
C SER A 270 19.22 -6.29 2.60
N PHE A 271 18.80 -5.72 1.45
CA PHE A 271 17.64 -4.83 1.35
C PHE A 271 16.35 -5.49 1.82
N HIS A 272 16.18 -6.80 1.55
CA HIS A 272 14.98 -7.50 2.00
C HIS A 272 14.96 -7.78 3.51
N GLN A 273 16.15 -7.94 4.11
CA GLN A 273 16.32 -8.16 5.55
C GLN A 273 16.23 -6.83 6.31
N THR A 274 16.37 -5.70 5.59
CA THR A 274 16.28 -4.34 6.12
C THR A 274 14.83 -3.83 6.03
N TYR A 275 14.16 -4.05 4.88
CA TYR A 275 12.78 -3.65 4.60
C TYR A 275 11.87 -4.87 4.60
N ARG A 276 11.39 -5.25 5.80
CA ARG A 276 10.59 -6.45 6.07
C ARG A 276 9.07 -6.25 6.09
N GLU A 277 8.57 -5.06 5.70
CA GLU A 277 7.12 -4.79 5.68
C GLU A 277 6.56 -5.28 4.34
N ARG A 278 6.31 -6.59 4.28
CA ARG A 278 5.88 -7.31 3.08
C ARG A 278 4.59 -8.06 3.22
N HIS A 279 3.83 -8.13 2.13
CA HIS A 279 2.64 -8.97 2.01
C HIS A 279 3.05 -10.06 1.04
N VAL A 280 2.82 -11.33 1.41
CA VAL A 280 3.22 -12.47 0.57
C VAL A 280 2.03 -13.35 0.17
N GLU A 281 1.88 -13.55 -1.14
CA GLU A 281 0.86 -14.40 -1.75
C GLU A 281 1.60 -15.48 -2.54
N VAL A 282 1.32 -16.76 -2.23
CA VAL A 282 1.91 -17.89 -2.94
C VAL A 282 0.77 -18.78 -3.39
N LEU A 283 0.60 -18.90 -4.70
CA LEU A 283 -0.42 -19.77 -5.28
C LEU A 283 0.25 -20.94 -5.98
N GLY A 284 -0.28 -22.13 -5.77
CA GLY A 284 0.28 -23.33 -6.36
C GLY A 284 1.32 -24.00 -5.47
N GLY A 285 1.51 -25.29 -5.69
CA GLY A 285 2.42 -26.10 -4.90
C GLY A 285 1.73 -26.65 -3.67
N PRO A 286 2.45 -27.43 -2.82
CA PRO A 286 1.80 -27.99 -1.62
C PRO A 286 1.61 -26.96 -0.52
N LEU A 287 0.45 -27.03 0.17
CA LEU A 287 0.09 -26.15 1.30
C LEU A 287 1.07 -26.35 2.47
N ASP A 288 1.66 -27.57 2.56
CA ASP A 288 2.66 -27.97 3.55
C ASP A 288 3.97 -27.17 3.40
N SER A 289 4.34 -26.82 2.14
CA SER A 289 5.55 -26.04 1.81
C SER A 289 5.23 -24.79 0.99
N THR A 290 4.34 -23.93 1.52
CA THR A 290 3.94 -22.65 0.92
C THR A 290 4.55 -21.52 1.76
N HIS A 291 5.61 -20.86 1.21
CA HIS A 291 6.35 -19.78 1.87
C HIS A 291 7.06 -18.84 0.86
N ASP A 292 7.63 -17.70 1.35
CA ASP A 292 8.35 -16.71 0.52
C ASP A 292 9.60 -17.32 -0.15
N LEU A 293 9.61 -17.33 -1.49
CA LEU A 293 10.70 -17.87 -2.31
C LEU A 293 11.62 -16.80 -2.88
N LEU A 294 11.23 -15.51 -2.72
CA LEU A 294 12.02 -14.38 -3.22
C LEU A 294 12.84 -13.74 -2.10
N PHE A 295 12.19 -13.51 -0.94
CA PHE A 295 12.81 -12.85 0.20
C PHE A 295 12.85 -13.66 1.50
N GLY A 296 12.62 -14.96 1.40
CA GLY A 296 12.66 -15.87 2.54
C GLY A 296 14.08 -16.18 2.97
N ASN A 297 14.25 -16.70 4.20
CA ASN A 297 15.57 -17.04 4.73
C ASN A 297 16.10 -18.36 4.15
N GLN A 298 15.17 -19.26 3.75
CA GLN A 298 15.50 -20.55 3.15
C GLN A 298 15.36 -20.50 1.61
N ALA A 299 15.06 -19.29 1.06
CA ALA A 299 14.89 -19.03 -0.37
C ALA A 299 16.18 -19.18 -1.18
N THR A 300 16.35 -20.37 -1.79
CA THR A 300 17.50 -20.75 -2.60
C THR A 300 17.04 -21.12 -4.03
N PRO A 301 17.88 -20.99 -5.10
CA PRO A 301 17.41 -21.36 -6.46
C PRO A 301 16.98 -22.81 -6.59
N GLU A 302 17.44 -23.67 -5.65
CA GLU A 302 17.09 -25.09 -5.57
C GLU A 302 15.63 -25.18 -5.08
N GLN A 303 15.28 -24.39 -4.03
CA GLN A 303 13.94 -24.33 -3.44
C GLN A 303 12.86 -23.84 -4.43
N PHE A 304 13.25 -22.98 -5.38
CA PHE A 304 12.34 -22.47 -6.42
C PHE A 304 12.01 -23.60 -7.40
N SER A 305 13.02 -24.39 -7.82
CA SER A 305 12.89 -25.53 -8.74
C SER A 305 11.96 -26.59 -8.18
N THR A 306 12.05 -26.85 -6.86
CA THR A 306 11.22 -27.81 -6.15
C THR A 306 9.75 -27.42 -6.26
N TRP A 307 9.45 -26.12 -6.00
CA TRP A 307 8.11 -25.54 -6.09
C TRP A 307 7.60 -25.66 -7.53
N THR A 308 8.42 -25.26 -8.51
CA THR A 308 8.16 -25.32 -9.95
C THR A 308 7.78 -26.75 -10.37
N ALA A 309 8.45 -27.76 -9.77
CA ALA A 309 8.25 -29.18 -10.03
C ALA A 309 6.95 -29.69 -9.45
N SER A 310 6.44 -29.05 -8.37
CA SER A 310 5.19 -29.43 -7.70
C SER A 310 3.96 -28.90 -8.42
N LEU A 311 4.13 -27.82 -9.21
CA LEU A 311 3.06 -27.14 -9.95
C LEU A 311 2.19 -27.99 -10.87
N PRO A 312 2.73 -28.90 -11.72
CA PRO A 312 1.85 -29.72 -12.58
C PRO A 312 0.81 -30.54 -11.83
N SER A 313 1.16 -31.13 -10.68
CA SER A 313 0.22 -31.94 -9.89
C SER A 313 -0.56 -31.11 -8.87
N ASN A 314 0.03 -30.00 -8.36
CA ASN A 314 -0.64 -29.14 -7.38
C ASN A 314 -0.74 -27.68 -7.92
N PRO A 315 -1.53 -27.41 -9.00
CA PRO A 315 -1.59 -26.03 -9.52
C PRO A 315 -2.56 -25.12 -8.77
N GLY A 316 -2.21 -23.84 -8.73
CA GLY A 316 -3.00 -22.78 -8.13
C GLY A 316 -3.57 -21.85 -9.19
N LEU A 317 -4.59 -21.08 -8.82
CA LEU A 317 -5.28 -20.14 -9.70
C LEU A 317 -4.43 -18.87 -9.96
N VAL A 318 -3.77 -18.82 -11.14
CA VAL A 318 -2.91 -17.69 -11.54
C VAL A 318 -3.78 -16.51 -12.00
N ASP A 319 -4.53 -16.71 -13.10
CA ASP A 319 -5.44 -15.72 -13.65
C ASP A 319 -6.72 -16.39 -14.17
N TYR A 320 -7.82 -15.64 -14.26
CA TYR A 320 -9.15 -16.18 -14.57
C TYR A 320 -10.10 -15.17 -15.24
N SER A 321 -11.25 -15.69 -15.69
CA SER A 321 -12.31 -14.91 -16.31
C SER A 321 -13.55 -15.06 -15.45
N LEU A 322 -14.13 -13.91 -15.04
CA LEU A 322 -15.31 -13.83 -14.19
C LEU A 322 -16.55 -13.38 -14.94
N GLU A 323 -17.69 -14.03 -14.66
CA GLU A 323 -18.99 -13.68 -15.25
C GLU A 323 -20.00 -13.50 -14.13
N PRO A 324 -20.88 -12.47 -14.15
CA PRO A 324 -21.82 -12.27 -13.03
C PRO A 324 -22.81 -13.42 -12.84
N LEU A 325 -23.24 -13.66 -11.59
CA LEU A 325 -24.17 -14.75 -11.23
C LEU A 325 -25.47 -14.79 -12.03
N HIS A 326 -26.07 -13.62 -12.32
CA HIS A 326 -27.36 -13.51 -13.02
C HIS A 326 -27.38 -14.13 -14.42
N THR A 327 -26.21 -14.19 -15.09
CA THR A 327 -26.01 -14.77 -16.43
C THR A 327 -26.42 -16.26 -16.48
N LEU A 328 -26.48 -16.92 -15.31
CA LEU A 328 -26.88 -18.32 -15.15
C LEU A 328 -28.40 -18.50 -15.26
N LEU A 329 -29.15 -17.49 -14.80
CA LEU A 329 -30.62 -17.46 -14.85
C LEU A 329 -31.08 -17.18 -16.27
N GLU A 330 -32.23 -17.77 -16.68
CA GLU A 330 -32.79 -17.57 -18.02
C GLU A 330 -33.36 -16.16 -18.18
N GLU A 331 -33.31 -15.60 -19.41
CA GLU A 331 -33.80 -14.25 -19.73
C GLU A 331 -35.29 -14.03 -19.40
N GLN A 332 -36.11 -15.09 -19.52
CA GLN A 332 -37.55 -15.07 -19.23
C GLN A 332 -37.83 -14.90 -17.72
N ASN A 333 -36.93 -15.44 -16.86
CA ASN A 333 -37.02 -15.38 -15.40
C ASN A 333 -36.90 -13.93 -14.88
N PRO A 334 -37.88 -13.42 -14.11
CA PRO A 334 -37.77 -12.05 -13.59
C PRO A 334 -36.78 -11.89 -12.43
N LYS A 335 -36.32 -13.02 -11.83
CA LYS A 335 -35.34 -12.99 -10.73
C LYS A 335 -33.92 -12.63 -11.21
N ARG A 336 -33.66 -12.76 -12.53
CA ARG A 336 -32.39 -12.40 -13.19
C ARG A 336 -32.12 -10.90 -13.03
N GLU A 337 -33.06 -10.04 -13.47
CA GLU A 337 -32.97 -8.58 -13.36
C GLU A 337 -32.84 -8.15 -11.89
N ALA A 338 -33.52 -8.87 -10.97
CA ALA A 338 -33.45 -8.61 -9.53
C ALA A 338 -32.05 -8.92 -8.98
N LEU A 339 -31.47 -10.07 -9.37
CA LEU A 339 -30.12 -10.49 -8.98
C LEU A 339 -29.06 -9.58 -9.60
N ARG A 340 -29.26 -9.17 -10.87
CA ARG A 340 -28.39 -8.25 -11.60
C ARG A 340 -28.28 -6.94 -10.81
N GLN A 341 -29.42 -6.42 -10.32
CA GLN A 341 -29.52 -5.20 -9.52
C GLN A 341 -28.92 -5.42 -8.14
N ALA A 342 -29.09 -6.63 -7.57
CA ALA A 342 -28.57 -7.01 -6.26
C ALA A 342 -27.03 -7.04 -6.26
N ILE A 343 -26.43 -7.74 -7.26
CA ILE A 343 -24.98 -7.85 -7.49
C ILE A 343 -24.43 -6.43 -7.68
N SER A 344 -25.09 -5.62 -8.56
CA SER A 344 -24.73 -4.22 -8.83
C SER A 344 -24.68 -3.45 -7.52
N HIS A 345 -25.71 -3.60 -6.66
CA HIS A 345 -25.79 -2.95 -5.36
C HIS A 345 -24.72 -3.43 -4.37
N TYR A 346 -24.50 -4.76 -4.29
CA TYR A 346 -23.51 -5.35 -3.39
C TYR A 346 -22.11 -4.83 -3.69
N ILE A 347 -21.71 -4.91 -4.97
CA ILE A 347 -20.42 -4.46 -5.48
C ILE A 347 -20.22 -2.98 -5.20
N MET A 348 -21.22 -2.16 -5.55
CA MET A 348 -21.19 -0.72 -5.37
C MET A 348 -21.15 -0.21 -3.94
N SER A 349 -21.82 -0.89 -3.00
CA SER A 349 -21.81 -0.51 -1.59
C SER A 349 -20.43 -0.76 -0.98
N ARG A 350 -19.71 -1.76 -1.52
CA ARG A 350 -18.38 -2.17 -1.08
C ARG A 350 -17.21 -1.39 -1.68
N ALA A 351 -17.50 -0.46 -2.61
CA ALA A 351 -16.49 0.36 -3.28
C ALA A 351 -15.67 1.21 -2.30
N ARG A 352 -14.42 1.53 -2.66
CA ARG A 352 -13.51 2.35 -1.87
C ARG A 352 -13.06 3.52 -2.72
N TRP A 353 -13.53 4.72 -2.40
CA TRP A 353 -13.20 5.93 -3.14
C TRP A 353 -12.44 6.96 -2.30
N GLN A 354 -12.16 8.13 -2.90
CA GLN A 354 -11.47 9.23 -2.25
C GLN A 354 -12.49 10.27 -1.80
N ASN A 355 -12.60 10.47 -0.47
CA ASN A 355 -13.49 11.48 0.11
C ASN A 355 -12.64 12.74 0.35
N CYS A 356 -12.84 13.76 -0.49
CA CYS A 356 -12.09 15.02 -0.42
C CYS A 356 -12.50 15.88 0.78
N SER A 357 -13.58 15.46 1.49
CA SER A 357 -14.10 16.08 2.71
C SER A 357 -13.22 15.70 3.91
N ARG A 358 -12.55 14.52 3.83
CA ARG A 358 -11.65 13.99 4.85
C ARG A 358 -10.36 14.84 4.98
N PRO A 359 -9.77 14.99 6.19
CA PRO A 359 -8.55 15.82 6.30
C PRO A 359 -7.30 15.17 5.72
N CYS A 360 -6.30 16.00 5.34
CA CYS A 360 -5.02 15.54 4.79
C CYS A 360 -4.20 14.78 5.85
N ARG A 361 -3.11 14.13 5.41
CA ARG A 361 -2.18 13.40 6.29
C ARG A 361 -1.55 14.39 7.26
N SER A 362 -1.41 14.00 8.54
CA SER A 362 -0.82 14.82 9.60
C SER A 362 0.48 15.51 9.14
N GLY A 363 0.44 16.84 9.08
CA GLY A 363 1.55 17.66 8.62
C GLY A 363 1.32 18.28 7.24
N GLN A 364 0.07 18.21 6.76
CA GLN A 364 -0.37 18.73 5.46
C GLN A 364 -1.70 19.49 5.61
N HIS A 365 -2.06 20.27 4.57
CA HIS A 365 -3.30 21.07 4.54
C HIS A 365 -3.84 21.22 3.12
N LYS A 366 -5.18 21.22 3.00
CA LYS A 366 -5.90 21.37 1.72
C LYS A 366 -5.71 22.77 1.14
N SER A 367 -5.29 22.84 -0.14
CA SER A 367 -5.08 24.09 -0.86
C SER A 367 -6.42 24.74 -1.21
N SER A 368 -6.43 26.08 -1.36
CA SER A 368 -7.63 26.88 -1.69
C SER A 368 -8.21 26.54 -3.07
N HIS A 369 -7.35 26.08 -4.00
CA HIS A 369 -7.69 25.72 -5.38
C HIS A 369 -8.56 24.46 -5.47
N ASP A 370 -8.12 23.34 -4.86
CA ASP A 370 -8.85 22.07 -4.89
C ASP A 370 -8.91 21.39 -3.51
N SER A 371 -10.10 20.86 -3.16
CA SER A 371 -10.36 20.16 -1.90
C SER A 371 -9.68 18.78 -1.87
N CYS A 372 -9.32 18.26 -3.07
CA CYS A 372 -8.66 16.97 -3.28
C CYS A 372 -7.13 17.13 -3.39
N GLN A 373 -6.62 18.37 -3.24
CA GLN A 373 -5.20 18.68 -3.31
C GLN A 373 -4.61 19.03 -1.93
N CYS A 374 -3.67 18.20 -1.45
CA CYS A 374 -2.98 18.38 -0.17
C CYS A 374 -1.63 19.06 -0.40
N GLU A 375 -1.34 20.10 0.39
CA GLU A 375 -0.11 20.89 0.28
C GLU A 375 0.83 20.67 1.47
N CYS A 376 2.15 20.72 1.22
CA CYS A 376 3.20 20.55 2.23
C CYS A 376 3.28 21.83 3.07
N GLN A 377 3.67 21.71 4.36
CA GLN A 377 3.79 22.87 5.24
C GLN A 377 5.02 23.75 4.97
N ASP A 378 6.17 23.14 4.61
CA ASP A 378 7.42 23.86 4.32
C ASP A 378 8.02 23.41 2.98
N SER A 379 7.52 23.99 1.87
CA SER A 379 7.91 23.70 0.49
C SER A 379 9.41 23.87 0.15
N LYS A 380 10.13 24.75 0.87
CA LYS A 380 11.55 25.03 0.62
C LYS A 380 12.49 23.89 1.05
N VAL A 381 12.44 23.51 2.35
CA VAL A 381 13.29 22.45 2.93
C VAL A 381 12.83 21.03 2.57
N THR A 382 11.51 20.79 2.54
CA THR A 382 10.94 19.49 2.22
C THR A 382 10.84 19.27 0.71
N ASN A 383 11.17 18.05 0.26
CA ASN A 383 11.08 17.64 -1.13
C ASN A 383 9.62 17.27 -1.46
N GLN A 384 9.39 16.52 -2.56
CA GLN A 384 8.05 16.06 -2.92
C GLN A 384 7.62 15.01 -1.88
N ASP A 385 6.29 14.79 -1.75
CA ASP A 385 5.67 13.88 -0.76
C ASP A 385 5.81 14.42 0.68
N CYS A 386 6.24 15.70 0.81
CA CYS A 386 6.44 16.45 2.07
C CYS A 386 7.44 15.79 3.04
N CYS A 387 8.53 15.23 2.51
CA CYS A 387 9.56 14.57 3.32
C CYS A 387 10.69 15.55 3.61
N PRO A 388 11.16 15.67 4.88
CA PRO A 388 12.30 16.58 5.15
C PRO A 388 13.59 16.07 4.52
N ARG A 389 14.34 16.97 3.86
CA ARG A 389 15.59 16.65 3.16
C ARG A 389 16.68 16.08 4.08
N GLN A 390 16.75 16.55 5.34
CA GLN A 390 17.75 16.09 6.32
C GLN A 390 17.20 16.02 7.75
N ARG A 391 17.91 15.28 8.64
CA ARG A 391 17.55 15.14 10.04
C ARG A 391 17.90 16.43 10.81
N GLY A 392 17.10 16.77 11.82
CA GLY A 392 17.33 17.94 12.65
C GLY A 392 16.58 19.21 12.29
N LEU A 393 15.81 19.19 11.18
CA LEU A 393 15.06 20.37 10.74
C LEU A 393 13.86 20.68 11.62
N ALA A 394 13.68 21.96 11.99
CA ALA A 394 12.59 22.44 12.84
C ALA A 394 12.20 23.90 12.54
N HIS A 395 10.98 24.28 12.97
CA HIS A 395 10.45 25.64 12.83
C HIS A 395 10.60 26.40 14.14
N LEU A 396 11.58 27.32 14.19
CA LEU A 396 11.92 28.10 15.38
C LEU A 396 11.29 29.48 15.39
N VAL A 397 10.54 29.78 16.46
CA VAL A 397 9.89 31.07 16.68
C VAL A 397 10.27 31.55 18.09
N VAL A 398 11.10 32.60 18.17
CA VAL A 398 11.57 33.19 19.45
C VAL A 398 10.78 34.46 19.72
N SER A 399 10.08 34.53 20.88
CA SER A 399 9.28 35.70 21.25
C SER A 399 9.20 35.92 22.77
N ASN A 400 8.22 36.75 23.21
CA ASN A 400 7.94 37.13 24.60
C ASN A 400 9.16 37.77 25.28
N PHE A 401 9.85 38.66 24.53
CA PHE A 401 11.03 39.38 25.00
C PHE A 401 10.70 40.48 25.99
N ARG A 402 11.26 40.37 27.20
CA ARG A 402 11.14 41.35 28.28
C ARG A 402 12.35 41.25 29.21
N ALA A 403 12.83 42.40 29.69
CA ALA A 403 13.94 42.48 30.63
C ALA A 403 13.48 43.13 31.93
N GLU A 404 14.08 42.74 33.07
CA GLU A 404 13.74 43.25 34.40
C GLU A 404 14.97 43.87 35.05
N HIS A 405 14.78 45.05 35.72
CA HIS A 405 15.79 45.81 36.48
C HIS A 405 17.16 45.86 35.75
N LEU A 406 17.12 46.31 34.50
CA LEU A 406 18.25 46.34 33.59
C LEU A 406 18.97 47.67 33.45
N TRP A 407 20.30 47.62 33.59
CA TRP A 407 21.26 48.72 33.38
C TRP A 407 22.70 48.23 33.19
N GLY A 408 23.58 49.13 32.75
CA GLY A 408 24.99 48.82 32.51
C GLY A 408 25.95 49.42 33.50
N ASP A 409 27.21 49.52 33.08
CA ASP A 409 28.31 50.01 33.90
C ASP A 409 28.40 51.52 34.09
N TYR A 410 27.56 52.30 33.42
CA TYR A 410 27.65 53.77 33.47
C TYR A 410 26.49 54.46 34.14
N THR A 411 25.28 54.07 33.77
CA THR A 411 24.06 54.72 34.25
C THR A 411 22.91 53.74 34.43
N THR A 412 21.86 54.21 35.14
CA THR A 412 20.62 53.47 35.35
C THR A 412 19.67 53.75 34.19
N ALA A 413 20.02 54.72 33.32
CA ALA A 413 19.23 55.09 32.15
C ALA A 413 19.52 54.08 31.03
N THR A 414 18.60 53.13 30.82
CA THR A 414 18.77 52.07 29.83
C THR A 414 17.94 52.29 28.57
N ASP A 415 18.59 52.22 27.42
CA ASP A 415 17.98 52.34 26.11
C ASP A 415 18.24 51.00 25.41
N ALA A 416 17.63 49.95 25.96
CA ALA A 416 17.84 48.59 25.51
C ALA A 416 17.17 48.20 24.20
N TYR A 417 17.77 47.19 23.56
CA TYR A 417 17.34 46.49 22.37
C TYR A 417 18.04 45.13 22.35
N LEU A 418 17.49 44.16 21.61
CA LEU A 418 18.07 42.83 21.55
C LEU A 418 18.50 42.41 20.16
N LYS A 419 19.61 41.65 20.07
CA LYS A 419 20.13 41.05 18.83
C LYS A 419 20.00 39.55 19.06
N VAL A 420 19.19 38.86 18.22
CA VAL A 420 18.98 37.42 18.35
C VAL A 420 19.60 36.70 17.14
N PHE A 421 20.47 35.70 17.40
CA PHE A 421 21.17 34.95 16.35
C PHE A 421 20.93 33.45 16.46
N PHE A 422 20.81 32.80 15.27
CA PHE A 422 20.67 31.35 15.08
C PHE A 422 20.77 30.97 13.60
N GLY A 423 21.64 30.00 13.32
CA GLY A 423 21.88 29.44 11.99
C GLY A 423 22.17 30.44 10.89
N GLY A 424 23.06 31.38 11.16
CA GLY A 424 23.45 32.42 10.20
C GLY A 424 22.48 33.58 10.11
N GLN A 425 21.25 33.42 10.66
CA GLN A 425 20.21 34.44 10.67
C GLN A 425 20.39 35.40 11.85
N GLU A 426 19.96 36.65 11.67
CA GLU A 426 20.05 37.69 12.70
C GLU A 426 18.80 38.56 12.67
N PHE A 427 18.24 38.81 13.85
CA PHE A 427 17.07 39.65 14.06
C PHE A 427 17.41 40.67 15.13
N ARG A 428 16.86 41.87 15.00
CA ARG A 428 17.11 42.96 15.93
C ARG A 428 15.78 43.59 16.33
N THR A 429 15.64 43.95 17.62
CA THR A 429 14.43 44.61 18.11
C THR A 429 14.65 46.13 18.01
N GLY A 430 13.60 46.89 18.32
CA GLY A 430 13.66 48.33 18.37
C GLY A 430 14.14 48.75 19.75
N VAL A 431 14.58 49.99 19.89
CA VAL A 431 15.07 50.53 21.15
C VAL A 431 13.88 50.95 22.02
N VAL A 432 13.97 50.67 23.33
CA VAL A 432 13.00 51.10 24.33
C VAL A 432 13.79 52.11 25.15
N TRP A 433 13.57 53.39 24.84
CA TRP A 433 14.27 54.52 25.44
C TRP A 433 13.97 54.72 26.90
N ASN A 434 15.03 54.90 27.72
CA ASN A 434 14.99 55.17 29.16
C ASN A 434 14.00 54.26 29.90
N ASN A 435 14.37 52.96 30.08
CA ASN A 435 13.53 51.95 30.74
C ASN A 435 14.38 50.80 31.29
N ASN A 436 14.23 50.51 32.59
CA ASN A 436 14.94 49.44 33.26
C ASN A 436 14.21 48.10 33.15
N ASN A 437 12.93 48.15 32.74
CA ASN A 437 12.09 46.97 32.55
C ASN A 437 11.50 47.01 31.13
N PRO A 438 12.32 46.90 30.06
CA PRO A 438 11.76 47.01 28.72
C PRO A 438 11.03 45.77 28.25
N ARG A 439 10.01 45.97 27.40
CA ARG A 439 9.20 44.90 26.83
C ARG A 439 9.14 45.10 25.33
N TRP A 440 9.51 44.07 24.56
CA TRP A 440 9.48 44.12 23.11
C TRP A 440 8.35 43.22 22.58
N THR A 441 7.67 43.68 21.53
CA THR A 441 6.53 42.99 20.91
C THR A 441 6.96 42.01 19.80
N ASP A 442 8.28 41.88 19.56
CA ASP A 442 8.85 41.04 18.51
C ASP A 442 8.53 39.55 18.60
N LYS A 443 8.11 38.98 17.47
CA LYS A 443 7.85 37.57 17.29
C LYS A 443 8.77 37.19 16.15
N MET A 444 9.94 36.64 16.50
CA MET A 444 10.99 36.29 15.53
C MET A 444 10.82 34.93 14.89
N ASP A 445 10.41 34.93 13.61
CA ASP A 445 10.24 33.71 12.84
C ASP A 445 11.53 33.37 12.10
N PHE A 446 12.29 32.40 12.66
CA PHE A 446 13.55 31.93 12.08
C PHE A 446 13.31 30.94 10.92
N GLU A 447 12.02 30.69 10.57
CA GLU A 447 11.56 29.77 9.54
C GLU A 447 12.09 28.35 9.81
N ASN A 448 12.71 27.69 8.82
CA ASN A 448 13.24 26.33 8.97
C ASN A 448 14.73 26.36 9.24
N VAL A 449 15.14 25.77 10.38
CA VAL A 449 16.54 25.75 10.84
C VAL A 449 17.00 24.36 11.28
N LEU A 450 18.32 24.16 11.38
CA LEU A 450 18.89 22.90 11.86
C LEU A 450 19.13 23.01 13.37
N LEU A 451 18.25 22.38 14.16
CA LEU A 451 18.30 22.35 15.63
C LEU A 451 19.54 21.61 16.14
N SER A 452 20.02 20.64 15.35
CA SER A 452 21.18 19.81 15.65
C SER A 452 22.49 20.59 15.43
N THR A 453 22.70 21.14 14.21
CA THR A 453 23.89 21.92 13.83
C THR A 453 23.90 23.23 14.61
N GLY A 454 22.83 24.02 14.48
CA GLY A 454 22.65 25.27 15.21
C GLY A 454 23.31 26.52 14.63
N GLY A 455 24.28 27.11 15.34
CA GLY A 455 24.85 26.64 16.60
C GLY A 455 24.03 27.03 17.82
N PRO A 456 24.48 28.00 18.63
CA PRO A 456 23.66 28.38 19.80
C PRO A 456 22.63 29.45 19.49
N LEU A 457 21.54 29.49 20.26
CA LEU A 457 20.54 30.55 20.16
C LEU A 457 21.12 31.66 21.04
N ARG A 458 21.74 32.65 20.39
CA ARG A 458 22.40 33.76 21.08
C ARG A 458 21.49 34.97 21.18
N VAL A 459 21.34 35.51 22.40
CA VAL A 459 20.56 36.72 22.68
C VAL A 459 21.49 37.75 23.32
N GLN A 460 21.77 38.83 22.57
CA GLN A 460 22.64 39.93 22.98
C GLN A 460 21.82 41.13 23.42
N VAL A 461 22.06 41.62 24.65
CA VAL A 461 21.36 42.78 25.21
C VAL A 461 22.25 43.99 25.02
N TRP A 462 21.81 44.94 24.18
CA TRP A 462 22.58 46.14 23.88
C TRP A 462 21.96 47.39 24.48
N ASP A 463 22.78 48.44 24.66
CA ASP A 463 22.35 49.73 25.16
C ASP A 463 22.66 50.78 24.10
N ALA A 464 21.61 51.33 23.46
CA ALA A 464 21.72 52.33 22.39
C ALA A 464 22.35 53.62 22.87
N ASP A 465 23.43 54.04 22.19
CA ASP A 465 24.20 55.24 22.47
C ASP A 465 24.24 56.05 21.18
N TYR A 466 23.63 57.26 21.19
CA TYR A 466 23.48 58.17 20.03
C TYR A 466 24.69 58.30 19.09
N GLY A 467 25.64 59.18 19.43
CA GLY A 467 26.82 59.42 18.61
C GLY A 467 27.92 58.39 18.70
N TRP A 468 28.05 57.76 19.88
CA TRP A 468 29.06 56.78 20.22
C TRP A 468 28.64 55.35 19.86
N ASP A 469 29.57 54.40 20.02
CA ASP A 469 29.32 52.98 19.76
C ASP A 469 28.46 52.44 20.92
N ASP A 470 27.38 51.70 20.59
CA ASP A 470 26.45 51.12 21.56
C ASP A 470 27.16 50.15 22.48
N ASP A 471 26.76 50.09 23.76
CA ASP A 471 27.40 49.13 24.67
C ASP A 471 26.60 47.87 24.96
N LEU A 472 27.29 46.73 24.91
CA LEU A 472 26.71 45.42 25.18
C LEU A 472 26.54 45.26 26.69
N LEU A 473 25.29 45.12 27.14
CA LEU A 473 24.94 44.96 28.55
C LEU A 473 25.14 43.53 29.01
N GLY A 474 25.10 42.60 28.07
CA GLY A 474 25.26 41.18 28.32
C GLY A 474 24.85 40.35 27.13
N SER A 475 25.25 39.07 27.16
CA SER A 475 24.98 38.10 26.11
C SER A 475 24.81 36.72 26.74
N CYS A 476 23.95 35.90 26.14
CA CYS A 476 23.72 34.53 26.61
C CYS A 476 23.43 33.57 25.47
N ASP A 477 23.84 32.32 25.65
CA ASP A 477 23.64 31.25 24.67
C ASP A 477 22.78 30.16 25.25
N ARG A 478 22.00 29.50 24.38
CA ARG A 478 21.15 28.36 24.71
C ARG A 478 21.13 27.40 23.53
N SER A 479 21.13 26.10 23.82
CA SER A 479 21.05 25.06 22.79
C SER A 479 19.57 24.68 22.69
N PRO A 480 18.85 25.12 21.63
CA PRO A 480 17.41 24.83 21.55
C PRO A 480 17.07 23.35 21.37
N HIS A 481 15.97 22.96 22.03
CA HIS A 481 15.38 21.63 22.01
C HIS A 481 13.96 21.76 21.47
N SER A 482 13.37 20.67 20.97
CA SER A 482 12.01 20.66 20.44
C SER A 482 11.00 20.94 21.55
N GLY A 483 10.02 21.76 21.23
CA GLY A 483 8.95 22.15 22.15
C GLY A 483 9.00 23.60 22.56
N PHE A 484 8.12 23.98 23.50
CA PHE A 484 8.04 25.34 24.03
C PHE A 484 8.91 25.46 25.28
N HIS A 485 9.85 26.41 25.26
CA HIS A 485 10.77 26.63 26.37
C HIS A 485 10.87 28.08 26.79
N GLU A 486 10.94 28.33 28.11
CA GLU A 486 11.07 29.65 28.72
C GLU A 486 12.53 29.85 29.12
N VAL A 487 13.18 30.94 28.63
CA VAL A 487 14.58 31.24 28.92
C VAL A 487 14.73 32.48 29.84
N THR A 488 15.69 32.40 30.79
CA THR A 488 16.04 33.49 31.71
C THR A 488 17.56 33.63 31.74
N CYS A 489 18.09 34.74 31.22
CA CYS A 489 19.52 35.03 31.20
C CYS A 489 19.80 36.14 32.21
N GLU A 490 20.62 35.85 33.22
CA GLU A 490 20.98 36.79 34.27
C GLU A 490 22.16 37.65 33.81
N LEU A 491 21.98 38.98 33.83
CA LEU A 491 22.99 39.97 33.45
C LEU A 491 23.60 40.55 34.72
N ASN A 492 24.62 41.43 34.60
CA ASN A 492 25.26 42.06 35.76
C ASN A 492 24.26 42.86 36.57
N HIS A 493 23.32 43.51 35.88
CA HIS A 493 22.20 44.21 36.52
C HIS A 493 20.94 43.70 35.85
N GLY A 494 20.19 42.89 36.58
CA GLY A 494 18.92 42.34 36.14
C GLY A 494 19.02 41.13 35.24
N ARG A 495 17.96 40.91 34.46
CA ARG A 495 17.85 39.75 33.57
C ARG A 495 17.02 40.01 32.34
N VAL A 496 17.18 39.15 31.33
CA VAL A 496 16.40 39.16 30.10
C VAL A 496 15.65 37.83 30.05
N LYS A 497 14.36 37.90 29.74
CA LYS A 497 13.47 36.75 29.65
C LYS A 497 12.84 36.71 28.25
N PHE A 498 12.64 35.50 27.76
CA PHE A 498 12.03 35.21 26.47
C PHE A 498 11.62 33.75 26.40
N SER A 499 10.90 33.40 25.34
CA SER A 499 10.46 32.03 25.11
C SER A 499 10.58 31.66 23.64
N TYR A 500 10.61 30.35 23.34
CA TYR A 500 10.68 29.85 21.97
C TYR A 500 9.97 28.53 21.80
N HIS A 501 9.30 28.35 20.66
CA HIS A 501 8.70 27.07 20.31
C HIS A 501 9.49 26.57 19.11
N ALA A 502 10.14 25.42 19.25
CA ALA A 502 10.89 24.77 18.19
C ALA A 502 10.11 23.51 17.85
N LYS A 503 9.29 23.60 16.80
CA LYS A 503 8.46 22.47 16.37
C LYS A 503 9.17 21.68 15.29
N CYS A 504 9.36 20.36 15.55
CA CYS A 504 9.99 19.41 14.62
C CYS A 504 9.16 19.37 13.35
N LEU A 505 9.82 19.32 12.18
CA LEU A 505 9.12 19.20 10.90
C LEU A 505 8.43 17.83 10.84
N PRO A 506 7.25 17.68 10.18
CA PRO A 506 6.60 16.36 10.11
C PRO A 506 7.53 15.29 9.56
N HIS A 507 7.60 14.15 10.26
CA HIS A 507 8.46 12.96 10.04
C HIS A 507 9.71 12.95 10.93
N LEU A 508 9.91 14.01 11.74
CA LEU A 508 11.03 14.16 12.67
C LEU A 508 10.55 14.36 14.10
N THR A 509 11.24 13.74 15.06
CA THR A 509 11.00 13.82 16.52
C THR A 509 12.30 13.73 17.30
N GLY A 510 12.19 13.84 18.62
CA GLY A 510 13.32 13.83 19.54
C GLY A 510 13.64 15.23 20.00
N GLY A 511 14.67 15.34 20.86
CA GLY A 511 15.13 16.60 21.41
C GLY A 511 15.62 17.56 20.35
N THR A 512 16.48 17.06 19.43
CA THR A 512 17.04 17.87 18.34
C THR A 512 16.49 17.51 16.96
N CYS A 513 15.25 16.96 16.91
CA CYS A 513 14.53 16.55 15.68
C CYS A 513 15.31 15.55 14.78
N LEU A 514 16.15 14.69 15.38
CA LEU A 514 16.97 13.72 14.64
C LEU A 514 16.26 12.42 14.28
N GLU A 515 15.45 11.88 15.22
CA GLU A 515 14.69 10.62 15.08
C GLU A 515 13.60 10.71 14.00
N TYR A 516 13.23 9.56 13.39
CA TYR A 516 12.15 9.46 12.41
C TYR A 516 10.81 9.22 13.11
N ALA A 517 9.75 9.88 12.62
CA ALA A 517 8.41 9.73 13.16
C ALA A 517 7.39 9.43 12.07
N PRO A 518 6.50 8.42 12.26
CA PRO A 518 5.49 8.15 11.23
C PRO A 518 4.42 9.24 11.21
N GLN A 519 3.88 9.55 10.03
CA GLN A 519 2.82 10.54 9.91
C GLN A 519 1.54 9.84 9.45
N GLY A 520 0.70 9.50 10.42
CA GLY A 520 -0.56 8.81 10.18
C GLY A 520 -1.68 9.71 9.69
N LEU A 521 -2.76 9.10 9.21
CA LEU A 521 -3.93 9.82 8.74
C LEU A 521 -4.81 10.18 9.94
N LEU A 522 -5.40 11.38 9.91
CA LEU A 522 -6.28 11.86 10.98
C LEU A 522 -7.64 11.17 10.87
N GLY A 523 -8.08 10.54 11.97
CA GLY A 523 -9.35 9.84 12.02
C GLY A 523 -9.24 8.42 12.54
N ASP A 524 -10.20 7.56 12.13
CA ASP A 524 -10.28 6.15 12.53
C ASP A 524 -9.72 5.22 11.44
N PRO A 525 -9.28 4.01 11.84
CA PRO A 525 -8.62 3.11 10.88
C PRO A 525 -9.59 2.47 9.87
N PRO A 526 -9.23 2.33 8.57
CA PRO A 526 -10.19 1.73 7.62
C PRO A 526 -10.22 0.20 7.69
N GLY A 527 -11.43 -0.34 7.82
CA GLY A 527 -11.67 -1.78 7.90
C GLY A 527 -13.01 -2.20 7.30
N ASN A 528 -13.78 -1.22 6.79
CA ASN A 528 -15.10 -1.43 6.19
C ASN A 528 -15.32 -0.57 4.92
N ARG A 529 -16.30 -0.98 4.10
CA ARG A 529 -16.71 -0.38 2.83
C ARG A 529 -17.23 1.06 2.91
N SER A 530 -16.50 2.02 2.25
CA SER A 530 -16.79 3.46 2.16
C SER A 530 -15.63 4.22 1.48
N GLY A 531 -15.79 5.54 1.35
CA GLY A 531 -14.78 6.42 0.76
C GLY A 531 -14.24 7.43 1.74
C1 GOL B . 18.08 49.83 16.84
O1 GOL B . 17.66 48.45 16.77
C2 GOL B . 19.58 49.95 17.19
O2 GOL B . 20.35 49.27 16.16
C3 GOL B . 19.99 51.45 17.30
O3 GOL B . 21.38 51.63 17.65
C1 GOL C . 9.55 46.68 18.99
O1 GOL C . 10.85 46.15 18.69
C2 GOL C . 9.49 47.17 20.45
O2 GOL C . 8.32 46.62 21.10
C3 GOL C . 9.45 48.71 20.53
O3 GOL C . 9.30 49.12 21.90
C1 GOL D . -6.06 8.81 2.18
O1 GOL D . -4.64 8.85 2.05
C2 GOL D . -6.69 8.07 0.98
O2 GOL D . -6.29 8.69 -0.25
C3 GOL D . -8.22 8.02 1.15
O3 GOL D . -8.90 7.51 0.00
CA CA E . 25.15 54.12 18.49
CA CA F . 21.86 54.16 26.31
I IOD G . -36.05 -19.40 -9.51
I IOD H . 28.03 37.31 17.39
I IOD I . 16.94 21.09 3.70
I IOD J . 7.23 -26.65 -2.72
CL CL K . 17.11 29.33 30.93
CL CL L . 7.54 31.40 21.15
C1 NAG M . -41.09 -5.57 -1.67
C2 NAG M . -41.45 -4.06 -1.54
C3 NAG M . -42.91 -3.88 -2.02
C4 NAG M . -43.14 -4.50 -3.42
C5 NAG M . -42.61 -5.95 -3.44
C6 NAG M . -42.74 -6.59 -4.83
C7 NAG M . -40.63 -2.36 0.10
C8 NAG M . -40.15 -1.60 -1.11
N2 NAG M . -41.27 -3.55 -0.18
O3 NAG M . -43.22 -2.47 -2.04
O4 NAG M . -44.55 -4.52 -3.70
O5 NAG M . -41.23 -6.00 -3.03
O6 NAG M . -44.11 -6.90 -5.13
O7 NAG M . -40.48 -1.95 1.25
#